data_2XEB
#
_entry.id   2XEB
#
_cell.length_a   1.000
_cell.length_b   1.000
_cell.length_c   1.000
_cell.angle_alpha   90.00
_cell.angle_beta   90.00
_cell.angle_gamma   90.00
#
_symmetry.space_group_name_H-M   'P 1'
#
loop_
_entity.id
_entity.type
_entity.pdbx_description
1 polymer "5'-R(P*GP*AP*UP*CP*GP*UP*AP*GP*CP*CP*AP*AP*UP*GP*AP* GP*GP*UP*U)-3'"
2 polymer "5'-R(P*GP*CP*CP*GP*AP*GP*GP*CP*GP*CP*GP*AP*UP*C)-3'"
#
loop_
_entity_poly.entity_id
_entity_poly.type
_entity_poly.pdbx_seq_one_letter_code
_entity_poly.pdbx_strand_id
1 'polyribonucleotide' GAUCGUAGCCAAUGAGGUU A
2 'polyribonucleotide' GCCGAGGCGCGAUC B
#